data_3HTK
#
_entry.id   3HTK
#
_cell.length_a   47.465
_cell.length_b   91.574
_cell.length_c   249.215
_cell.angle_alpha   90.000
_cell.angle_beta   90.000
_cell.angle_gamma   90.000
#
_symmetry.space_group_name_H-M   'C 2 2 21'
#
loop_
_entity.id
_entity.type
_entity.pdbx_description
1 polymer 'Structural maintenance of chromosomes protein 5'
2 polymer 'Structural maintenance of chromosomes protein 5'
3 polymer 'E3 SUMO-protein ligase MMS21'
4 non-polymer 'ZINC ION'
5 water water
#
loop_
_entity_poly.entity_id
_entity_poly.type
_entity_poly.pdbx_seq_one_letter_code
_entity_poly.pdbx_strand_id
1 'polypeptide(L)' KPFANTKKTLENQVEELTEKCSLKTDEFLKAKEKINEIFEKLNTIRDEVIKKKNQNEYYR A
2 'polypeptide(L)' DVSQKIKDIDDQIQQLLLKQRHLLSKMASSMKSLKNCQKELISTQILQFEAQNMDVSMNDVIGFFNEREADLK B
3 'polypeptide(L)'
;MALNDNPIPKSVPLHPKSGKYFHNLHARDLSNIYQQCYKQIDETINQLVDSTSPSTIGIEEQVADITSTYKLLSTYESES
NSFDEHIKDLKKNFKQSSDACPQIDLSTWDKYRTGELTAPKLSELYLNMPTPEPATMVNNTDTLKILKVLPYIWNDPTCV
IPDLQNPADEDDLQIEGGKIELTCPITCKPYEAPLISRKCNHVFDRDGIQNYLQGYTTRDCPQAACSQVVSMRDFVRDPI
MELRCKIAKMKESQEQDKRSSQAIDVL
;
C
#
loop_
_chem_comp.id
_chem_comp.type
_chem_comp.name
_chem_comp.formula
ZN non-polymer 'ZINC ION' 'Zn 2'
#
# COMPACT_ATOMS: atom_id res chain seq x y z
N LYS A 1 -40.69 -26.49 23.32
CA LYS A 1 -39.91 -27.75 23.16
C LYS A 1 -38.53 -27.62 23.78
N PRO A 2 -37.74 -28.68 23.67
CA PRO A 2 -36.39 -28.73 24.23
C PRO A 2 -35.38 -27.74 23.64
N PHE A 3 -35.80 -26.96 22.65
CA PHE A 3 -34.89 -26.01 22.03
C PHE A 3 -35.12 -24.56 22.46
N ALA A 4 -36.39 -24.20 22.59
CA ALA A 4 -36.82 -22.85 22.97
C ALA A 4 -35.82 -21.95 23.69
N ASN A 5 -35.20 -22.47 24.76
CA ASN A 5 -34.25 -21.68 25.55
C ASN A 5 -32.88 -21.43 24.92
N THR A 6 -32.28 -22.47 24.33
CA THR A 6 -30.98 -22.30 23.68
C THR A 6 -31.15 -21.37 22.50
N LYS A 7 -32.13 -21.67 21.66
CA LYS A 7 -32.39 -20.86 20.48
C LYS A 7 -32.54 -19.39 20.85
N LYS A 8 -33.15 -19.12 22.00
CA LYS A 8 -33.32 -17.75 22.43
C LYS A 8 -31.94 -17.14 22.68
N THR A 9 -31.09 -17.86 23.39
CA THR A 9 -29.76 -17.37 23.69
C THR A 9 -28.98 -17.17 22.39
N LEU A 10 -29.24 -18.02 21.40
CA LEU A 10 -28.58 -17.94 20.09
C LEU A 10 -29.00 -16.70 19.30
N GLU A 11 -30.30 -16.43 19.28
CA GLU A 11 -30.85 -15.28 18.56
C GLU A 11 -30.31 -13.97 19.12
N ASN A 12 -30.03 -13.95 20.42
CA ASN A 12 -29.54 -12.74 21.04
C ASN A 12 -28.09 -12.51 20.73
N GLN A 13 -27.29 -13.57 20.75
CA GLN A 13 -25.87 -13.46 20.45
C GLN A 13 -25.73 -12.92 19.04
N VAL A 14 -26.55 -13.41 18.13
CA VAL A 14 -26.49 -12.94 16.75
C VAL A 14 -26.86 -11.46 16.72
N GLU A 15 -27.79 -11.06 17.57
CA GLU A 15 -28.21 -9.67 17.63
C GLU A 15 -27.06 -8.81 18.14
N GLU A 16 -26.36 -9.31 19.16
CA GLU A 16 -25.23 -8.60 19.73
C GLU A 16 -24.07 -8.48 18.72
N LEU A 17 -23.78 -9.56 18.01
CA LEU A 17 -22.72 -9.55 17.01
C LEU A 17 -23.07 -8.59 15.87
N THR A 18 -24.35 -8.47 15.56
CA THR A 18 -24.78 -7.60 14.48
C THR A 18 -24.53 -6.12 14.81
N GLU A 19 -24.76 -5.74 16.06
CA GLU A 19 -24.53 -4.39 16.51
C GLU A 19 -23.04 -4.15 16.59
N LYS A 20 -22.29 -5.20 16.97
CA LYS A 20 -20.84 -5.12 17.06
C LYS A 20 -20.28 -4.82 15.66
N CYS A 21 -20.69 -5.60 14.65
CA CYS A 21 -20.21 -5.36 13.28
C CYS A 21 -20.51 -3.92 12.83
N SER A 22 -21.69 -3.44 13.21
CA SER A 22 -22.11 -2.08 12.88
C SER A 22 -21.14 -1.07 13.50
N LEU A 23 -20.75 -1.31 14.75
CA LEU A 23 -19.82 -0.43 15.44
C LEU A 23 -18.42 -0.42 14.80
N LYS A 24 -17.90 -1.62 14.53
CA LYS A 24 -16.58 -1.76 13.91
C LYS A 24 -16.59 -1.16 12.50
N THR A 25 -17.76 -1.13 11.88
CA THR A 25 -17.80 -0.55 10.54
C THR A 25 -17.60 0.96 10.68
N ASP A 26 -18.36 1.58 11.58
CA ASP A 26 -18.25 3.02 11.80
C ASP A 26 -16.88 3.37 12.33
N GLU A 27 -16.29 2.46 13.10
CA GLU A 27 -14.97 2.72 13.65
C GLU A 27 -13.95 2.70 12.50
N PHE A 28 -14.12 1.75 11.59
CA PHE A 28 -13.25 1.63 10.42
C PHE A 28 -13.40 2.83 9.47
N LEU A 29 -14.63 3.24 9.21
CA LEU A 29 -14.83 4.37 8.32
C LEU A 29 -14.29 5.65 8.98
N LYS A 30 -14.32 5.67 10.31
CA LYS A 30 -13.82 6.83 11.05
C LYS A 30 -12.31 6.91 10.84
N ALA A 31 -11.61 5.79 10.98
CA ALA A 31 -10.17 5.77 10.82
C ALA A 31 -9.80 6.21 9.39
N LYS A 32 -10.57 5.77 8.41
CA LYS A 32 -10.33 6.13 7.01
C LYS A 32 -10.37 7.65 6.90
N GLU A 33 -11.35 8.25 7.58
CA GLU A 33 -11.50 9.69 7.57
C GLU A 33 -10.33 10.40 8.23
N LYS A 34 -9.75 9.80 9.27
CA LYS A 34 -8.63 10.41 9.96
C LYS A 34 -7.42 10.55 9.03
N ILE A 35 -7.13 9.47 8.29
CA ILE A 35 -5.99 9.47 7.40
C ILE A 35 -6.23 10.47 6.25
N ASN A 36 -7.48 10.58 5.79
CA ASN A 36 -7.77 11.53 4.72
C ASN A 36 -7.55 12.96 5.22
N GLU A 37 -7.71 13.18 6.52
CA GLU A 37 -7.48 14.52 7.05
C GLU A 37 -5.98 14.82 6.94
N ILE A 38 -5.16 13.77 7.07
CA ILE A 38 -3.72 13.92 6.98
C ILE A 38 -3.29 14.16 5.52
N PHE A 39 -3.94 13.49 4.58
CA PHE A 39 -3.62 13.73 3.17
C PHE A 39 -3.92 15.22 2.93
N GLU A 40 -5.00 15.69 3.55
CA GLU A 40 -5.41 17.07 3.39
C GLU A 40 -4.43 18.07 3.96
N LYS A 41 -3.93 17.82 5.18
CA LYS A 41 -2.97 18.72 5.78
C LYS A 41 -1.67 18.72 4.98
N LEU A 42 -1.27 17.56 4.48
CA LEU A 42 -0.07 17.46 3.66
C LEU A 42 -0.23 18.31 2.40
N ASN A 43 -1.39 18.19 1.74
CA ASN A 43 -1.67 18.94 0.52
C ASN A 43 -1.64 20.45 0.70
N THR A 44 -2.28 20.95 1.74
CA THR A 44 -2.30 22.38 1.96
C THR A 44 -0.89 22.88 2.25
N ILE A 45 -0.15 22.19 3.12
CA ILE A 45 1.22 22.62 3.42
C ILE A 45 2.01 22.77 2.11
N ARG A 46 1.87 21.81 1.20
CA ARG A 46 2.58 21.86 -0.07
C ARG A 46 2.23 23.13 -0.84
N ASP A 47 0.97 23.53 -0.78
CA ASP A 47 0.51 24.73 -1.46
C ASP A 47 1.21 25.93 -0.89
N GLU A 48 1.39 25.94 0.43
CA GLU A 48 2.07 27.04 1.09
C GLU A 48 3.50 27.14 0.57
N VAL A 49 4.18 26.01 0.51
CA VAL A 49 5.55 25.98 0.02
C VAL A 49 5.61 26.55 -1.39
N ILE A 50 4.76 26.03 -2.25
CA ILE A 50 4.71 26.50 -3.64
C ILE A 50 4.54 28.03 -3.69
N LYS A 51 3.75 28.58 -2.78
CA LYS A 51 3.53 30.02 -2.78
C LYS A 51 4.68 30.80 -2.18
N LYS A 52 5.23 30.35 -1.07
CA LYS A 52 6.36 31.05 -0.46
C LYS A 52 7.49 31.07 -1.49
N LYS A 53 7.55 29.99 -2.28
CA LYS A 53 8.55 29.85 -3.33
C LYS A 53 8.35 30.98 -4.34
N ASN A 54 7.25 30.92 -5.07
CA ASN A 54 6.91 31.94 -6.07
C ASN A 54 7.20 33.34 -5.59
N GLN A 55 7.09 33.57 -4.28
CA GLN A 55 7.36 34.88 -3.70
C GLN A 55 8.84 35.21 -3.86
N ASN A 56 9.71 34.27 -3.49
CA ASN A 56 11.16 34.46 -3.60
C ASN A 56 11.59 34.48 -5.06
N GLU A 57 10.81 33.78 -5.89
CA GLU A 57 11.08 33.73 -7.31
C GLU A 57 11.04 35.18 -7.77
N TYR A 58 10.15 35.94 -7.14
CA TYR A 58 9.95 37.36 -7.41
C TYR A 58 10.97 38.21 -6.62
N TYR A 59 11.76 37.55 -5.77
CA TYR A 59 12.80 38.18 -4.95
C TYR A 59 12.32 38.94 -3.71
N ARG A 60 11.08 38.72 -3.29
CA ARG A 60 10.56 39.41 -2.11
C ARG A 60 9.26 38.84 -1.56
N ASP B 1 18.48 45.77 1.64
CA ASP B 1 17.99 44.96 2.79
C ASP B 1 17.03 43.88 2.30
N VAL B 2 16.54 44.02 1.07
CA VAL B 2 15.61 43.07 0.47
C VAL B 2 16.25 41.68 0.43
N SER B 3 17.52 41.61 0.77
CA SER B 3 18.27 40.37 0.79
C SER B 3 17.86 39.52 1.99
N GLN B 4 17.07 40.11 2.89
CA GLN B 4 16.62 39.42 4.09
C GLN B 4 15.31 38.65 3.88
N LYS B 5 14.39 39.23 3.13
CA LYS B 5 13.11 38.58 2.87
C LYS B 5 13.33 37.22 2.20
N ILE B 6 14.37 37.13 1.37
CA ILE B 6 14.68 35.89 0.68
C ILE B 6 15.20 34.83 1.64
N LYS B 7 15.57 35.24 2.85
CA LYS B 7 16.09 34.30 3.84
C LYS B 7 15.01 33.83 4.82
N ASP B 8 14.10 34.73 5.19
CA ASP B 8 13.02 34.38 6.11
C ASP B 8 12.04 33.43 5.42
N ILE B 9 11.68 33.79 4.19
CA ILE B 9 10.76 32.98 3.39
C ILE B 9 11.46 31.67 3.00
N ASP B 10 12.79 31.70 2.96
CA ASP B 10 13.57 30.51 2.62
C ASP B 10 13.65 29.60 3.85
N ASP B 11 13.50 30.20 5.04
CA ASP B 11 13.51 29.44 6.28
C ASP B 11 12.12 28.86 6.51
N GLN B 12 11.10 29.66 6.27
CA GLN B 12 9.72 29.21 6.44
C GLN B 12 9.54 27.97 5.57
N ILE B 13 10.08 28.01 4.34
CA ILE B 13 9.99 26.88 3.43
C ILE B 13 10.58 25.66 4.12
N GLN B 14 11.68 25.87 4.85
CA GLN B 14 12.36 24.78 5.53
C GLN B 14 11.53 24.24 6.70
N GLN B 15 10.86 25.13 7.42
CA GLN B 15 10.02 24.69 8.54
C GLN B 15 8.84 23.89 8.01
N LEU B 16 8.34 24.27 6.84
CA LEU B 16 7.22 23.57 6.23
C LEU B 16 7.64 22.22 5.68
N LEU B 17 8.87 22.15 5.18
CA LEU B 17 9.38 20.91 4.63
C LEU B 17 9.55 19.92 5.78
N LEU B 18 9.88 20.44 6.96
CA LEU B 18 10.04 19.59 8.14
C LEU B 18 8.65 19.07 8.51
N LYS B 19 7.70 19.98 8.69
CA LYS B 19 6.32 19.60 9.04
C LYS B 19 5.79 18.49 8.15
N GLN B 20 6.15 18.54 6.88
CA GLN B 20 5.71 17.50 5.95
C GLN B 20 6.26 16.16 6.41
N ARG B 21 7.53 16.13 6.78
CA ARG B 21 8.13 14.88 7.19
C ARG B 21 7.46 14.33 8.45
N HIS B 22 7.05 15.23 9.35
CA HIS B 22 6.37 14.81 10.58
C HIS B 22 4.99 14.21 10.26
N LEU B 23 4.18 14.94 9.50
CA LEU B 23 2.84 14.49 9.09
C LEU B 23 2.89 13.18 8.29
N LEU B 24 4.00 12.97 7.59
CA LEU B 24 4.17 11.76 6.80
C LEU B 24 4.30 10.59 7.79
N SER B 25 4.96 10.87 8.90
CA SER B 25 5.13 9.88 9.96
C SER B 25 3.76 9.56 10.57
N LYS B 26 2.95 10.60 10.83
CA LYS B 26 1.60 10.42 11.38
C LYS B 26 0.75 9.59 10.43
N MET B 27 0.84 9.91 9.14
CA MET B 27 0.12 9.22 8.10
C MET B 27 0.36 7.71 8.15
N ALA B 28 1.62 7.30 8.29
CA ALA B 28 1.98 5.88 8.37
C ALA B 28 1.39 5.25 9.65
N SER B 29 1.43 6.01 10.73
CA SER B 29 0.91 5.54 12.01
C SER B 29 -0.60 5.36 11.86
N SER B 30 -1.21 6.31 11.16
CA SER B 30 -2.64 6.32 10.91
C SER B 30 -3.02 5.12 10.06
N MET B 31 -2.14 4.76 9.13
CA MET B 31 -2.40 3.62 8.27
C MET B 31 -2.47 2.36 9.14
N LYS B 32 -1.45 2.17 9.99
CA LYS B 32 -1.39 1.04 10.89
C LYS B 32 -2.68 0.90 11.70
N SER B 33 -3.20 2.01 12.20
CA SER B 33 -4.44 1.98 12.97
C SER B 33 -5.61 1.57 12.08
N LEU B 34 -5.53 1.96 10.82
CA LEU B 34 -6.57 1.65 9.87
C LEU B 34 -6.54 0.13 9.60
N LYS B 35 -5.36 -0.42 9.39
CA LYS B 35 -5.21 -1.86 9.16
C LYS B 35 -5.78 -2.62 10.35
N ASN B 36 -5.61 -2.11 11.56
CA ASN B 36 -6.14 -2.77 12.75
C ASN B 36 -7.65 -2.79 12.75
N CYS B 37 -8.28 -1.66 12.39
CA CYS B 37 -9.73 -1.59 12.33
C CYS B 37 -10.22 -2.55 11.26
N GLN B 38 -9.52 -2.56 10.12
CA GLN B 38 -9.91 -3.44 9.03
C GLN B 38 -9.84 -4.88 9.51
N LYS B 39 -8.78 -5.22 10.22
CA LYS B 39 -8.60 -6.59 10.72
C LYS B 39 -9.68 -6.96 11.74
N GLU B 40 -9.97 -6.06 12.66
CA GLU B 40 -10.98 -6.27 13.69
C GLU B 40 -12.39 -6.38 13.12
N LEU B 41 -12.64 -5.68 12.01
CA LEU B 41 -13.94 -5.69 11.37
C LEU B 41 -14.21 -7.04 10.73
N ILE B 42 -13.24 -7.55 9.96
CA ILE B 42 -13.41 -8.86 9.32
C ILE B 42 -13.54 -9.97 10.35
N SER B 43 -12.83 -9.85 11.47
CA SER B 43 -12.91 -10.85 12.55
C SER B 43 -14.30 -10.90 13.15
N THR B 44 -14.80 -9.74 13.54
CA THR B 44 -16.11 -9.69 14.15
C THR B 44 -17.15 -10.19 13.15
N GLN B 45 -16.98 -9.87 11.88
CA GLN B 45 -17.91 -10.31 10.87
C GLN B 45 -17.95 -11.81 10.68
N ILE B 46 -16.81 -12.48 10.87
CA ILE B 46 -16.80 -13.93 10.70
C ILE B 46 -17.53 -14.60 11.86
N LEU B 47 -17.42 -14.03 13.05
CA LEU B 47 -18.12 -14.57 14.22
C LEU B 47 -19.62 -14.44 13.99
N GLN B 48 -20.01 -13.26 13.56
CA GLN B 48 -21.40 -12.95 13.29
C GLN B 48 -21.94 -13.91 12.24
N PHE B 49 -21.13 -14.18 11.22
CA PHE B 49 -21.57 -15.08 10.15
C PHE B 49 -21.79 -16.47 10.68
N GLU B 50 -20.93 -16.90 11.59
CA GLU B 50 -21.03 -18.23 12.18
C GLU B 50 -22.32 -18.32 12.99
N ALA B 51 -22.42 -17.48 14.02
CA ALA B 51 -23.60 -17.44 14.89
C ALA B 51 -24.88 -17.35 14.07
N GLN B 52 -24.89 -16.47 13.08
CA GLN B 52 -26.07 -16.32 12.25
C GLN B 52 -26.31 -17.55 11.37
N ASN B 53 -25.23 -18.24 10.98
CA ASN B 53 -25.39 -19.44 10.14
C ASN B 53 -25.93 -20.59 10.99
N MET B 54 -25.52 -20.62 12.26
CA MET B 54 -25.96 -21.64 13.22
C MET B 54 -27.43 -21.42 13.56
N ASP B 55 -27.83 -20.14 13.59
CA ASP B 55 -29.18 -19.70 13.89
C ASP B 55 -30.20 -20.24 12.86
N VAL B 56 -29.95 -20.00 11.57
CA VAL B 56 -30.88 -20.44 10.54
C VAL B 56 -30.93 -21.95 10.45
N SER B 57 -29.87 -22.60 10.92
CA SER B 57 -29.80 -24.06 10.94
C SER B 57 -30.71 -24.54 12.08
N MET B 58 -30.60 -23.86 13.20
CA MET B 58 -31.40 -24.16 14.38
C MET B 58 -32.87 -24.02 13.97
N ASN B 59 -33.19 -22.96 13.23
CA ASN B 59 -34.55 -22.75 12.77
C ASN B 59 -35.03 -23.97 11.99
N ASP B 60 -34.20 -24.41 11.03
CA ASP B 60 -34.54 -25.59 10.24
C ASP B 60 -34.87 -26.79 11.10
N VAL B 61 -33.91 -27.22 11.91
CA VAL B 61 -34.10 -28.39 12.77
C VAL B 61 -35.36 -28.28 13.63
N ILE B 62 -35.55 -27.14 14.27
CA ILE B 62 -36.73 -26.90 15.09
C ILE B 62 -37.97 -27.10 14.21
N GLY B 63 -37.93 -26.55 13.01
CA GLY B 63 -39.07 -26.70 12.10
C GLY B 63 -39.36 -28.17 11.85
N PHE B 64 -38.31 -28.97 11.67
CA PHE B 64 -38.51 -30.39 11.42
C PHE B 64 -39.00 -31.10 12.68
N PHE B 65 -38.45 -30.71 13.82
CA PHE B 65 -38.86 -31.30 15.08
C PHE B 65 -40.37 -31.16 15.28
N ASN B 66 -40.88 -29.94 15.09
CA ASN B 66 -42.32 -29.67 15.27
C ASN B 66 -43.21 -30.45 14.32
N GLU B 67 -42.63 -31.02 13.27
CA GLU B 67 -43.41 -31.79 12.32
C GLU B 67 -43.67 -33.17 12.89
N ARG B 68 -42.62 -33.83 13.32
CA ARG B 68 -42.73 -35.16 13.91
C ARG B 68 -43.76 -35.22 15.04
N GLU B 69 -44.19 -34.05 15.50
CA GLU B 69 -45.18 -33.98 16.58
C GLU B 69 -46.57 -33.67 16.05
N ALA B 70 -46.69 -32.60 15.26
CA ALA B 70 -47.98 -32.20 14.70
C ALA B 70 -48.59 -33.23 13.76
N ASP B 71 -47.80 -34.21 13.33
CA ASP B 71 -48.30 -35.24 12.42
C ASP B 71 -48.46 -36.56 13.19
N LEU B 72 -47.61 -36.75 14.19
CA LEU B 72 -47.62 -37.94 15.02
C LEU B 72 -48.99 -38.13 15.66
N LYS B 73 -49.70 -37.02 15.84
CA LYS B 73 -51.02 -37.05 16.45
C LYS B 73 -52.12 -36.71 15.44
N ASP C 5 -26.33 -31.88 27.73
CA ASP C 5 -24.89 -31.55 27.52
C ASP C 5 -24.66 -31.23 26.05
N ASN C 6 -23.76 -30.28 25.78
CA ASN C 6 -23.45 -29.88 24.40
C ASN C 6 -24.73 -29.75 23.59
N PRO C 7 -25.67 -28.90 24.04
CA PRO C 7 -26.94 -28.70 23.33
C PRO C 7 -26.76 -28.19 21.90
N ILE C 8 -25.66 -27.49 21.66
CA ILE C 8 -25.35 -26.93 20.35
C ILE C 8 -24.05 -27.52 19.80
N PRO C 9 -24.07 -27.98 18.54
CA PRO C 9 -22.87 -28.56 17.93
C PRO C 9 -21.68 -27.59 17.86
N LYS C 10 -20.47 -28.15 17.79
CA LYS C 10 -19.25 -27.36 17.70
C LYS C 10 -19.27 -26.51 16.42
N SER C 11 -19.93 -27.04 15.39
CA SER C 11 -20.06 -26.37 14.11
C SER C 11 -21.06 -27.10 13.21
N VAL C 12 -21.52 -26.41 12.19
CA VAL C 12 -22.44 -26.96 11.22
C VAL C 12 -21.97 -26.42 9.89
N PRO C 13 -22.36 -27.05 8.79
CA PRO C 13 -21.93 -26.59 7.46
C PRO C 13 -22.56 -25.27 7.04
N LEU C 14 -22.11 -24.76 5.90
CA LEU C 14 -22.64 -23.51 5.35
C LEU C 14 -24.07 -23.72 4.86
N HIS C 15 -25.00 -23.00 5.47
CA HIS C 15 -26.40 -23.10 5.12
C HIS C 15 -26.67 -22.29 3.86
N PRO C 16 -27.54 -22.80 2.97
CA PRO C 16 -27.92 -22.16 1.71
C PRO C 16 -28.37 -20.70 1.86
N LYS C 17 -28.95 -20.37 3.00
CA LYS C 17 -29.42 -19.00 3.22
C LYS C 17 -28.31 -18.06 3.67
N SER C 18 -27.18 -18.65 4.06
CA SER C 18 -26.03 -17.89 4.51
C SER C 18 -25.05 -17.73 3.35
N GLY C 19 -25.46 -18.16 2.16
CA GLY C 19 -24.59 -18.07 0.99
C GLY C 19 -24.07 -16.68 0.68
N LYS C 20 -24.96 -15.70 0.71
CA LYS C 20 -24.56 -14.33 0.40
C LYS C 20 -23.66 -13.73 1.47
N TYR C 21 -23.91 -14.03 2.75
CA TYR C 21 -23.09 -13.48 3.81
C TYR C 21 -21.65 -13.99 3.68
N PHE C 22 -21.51 -15.29 3.47
CA PHE C 22 -20.19 -15.90 3.33
C PHE C 22 -19.44 -15.29 2.14
N HIS C 23 -20.16 -15.16 1.03
CA HIS C 23 -19.62 -14.63 -0.21
C HIS C 23 -19.02 -13.24 -0.02
N ASN C 24 -19.73 -12.38 0.71
CA ASN C 24 -19.30 -11.02 0.96
C ASN C 24 -18.14 -10.85 1.94
N LEU C 25 -17.74 -11.91 2.62
CA LEU C 25 -16.64 -11.80 3.58
C LEU C 25 -15.32 -11.48 2.86
N HIS C 26 -14.70 -10.39 3.28
CA HIS C 26 -13.42 -9.97 2.70
C HIS C 26 -12.88 -8.87 3.56
N ALA C 27 -11.56 -8.70 3.53
CA ALA C 27 -10.93 -7.64 4.30
C ALA C 27 -11.08 -6.39 3.44
N ARG C 28 -11.45 -5.29 4.07
CA ARG C 28 -11.66 -4.02 3.40
C ARG C 28 -10.47 -3.58 2.53
N ASP C 29 -10.73 -3.34 1.24
CA ASP C 29 -9.69 -2.91 0.30
C ASP C 29 -9.01 -1.62 0.78
N LEU C 30 -7.68 -1.59 0.73
CA LEU C 30 -6.96 -0.39 1.14
C LEU C 30 -6.06 0.11 0.00
N SER C 31 -6.16 -0.54 -1.14
CA SER C 31 -5.38 -0.19 -2.34
C SER C 31 -5.39 1.30 -2.66
N ASN C 32 -6.56 1.91 -2.56
CA ASN C 32 -6.70 3.31 -2.86
C ASN C 32 -5.98 4.19 -1.84
N ILE C 33 -6.01 3.79 -0.58
CA ILE C 33 -5.37 4.56 0.46
C ILE C 33 -3.85 4.43 0.42
N TYR C 34 -3.37 3.20 0.20
CA TYR C 34 -1.94 2.94 0.10
C TYR C 34 -1.37 3.77 -1.05
N GLN C 35 -2.12 3.80 -2.14
CA GLN C 35 -1.75 4.53 -3.36
C GLN C 35 -1.52 6.00 -3.04
N GLN C 36 -2.45 6.60 -2.31
CA GLN C 36 -2.34 8.01 -1.92
C GLN C 36 -1.19 8.21 -0.94
N CYS C 37 -0.92 7.21 -0.10
CA CYS C 37 0.18 7.33 0.85
C CYS C 37 1.49 7.42 0.07
N TYR C 38 1.62 6.58 -0.95
CA TYR C 38 2.84 6.59 -1.76
C TYR C 38 2.94 7.89 -2.56
N LYS C 39 1.80 8.37 -3.08
CA LYS C 39 1.79 9.61 -3.82
C LYS C 39 2.18 10.75 -2.90
N GLN C 40 1.66 10.73 -1.67
CA GLN C 40 1.99 11.77 -0.71
C GLN C 40 3.51 11.71 -0.46
N ILE C 41 4.03 10.50 -0.35
CA ILE C 41 5.47 10.29 -0.15
C ILE C 41 6.25 10.97 -1.30
N ASP C 42 5.90 10.60 -2.54
CA ASP C 42 6.56 11.16 -3.71
C ASP C 42 6.60 12.68 -3.71
N GLU C 43 5.41 13.29 -3.67
CA GLU C 43 5.31 14.74 -3.66
C GLU C 43 6.15 15.39 -2.57
N THR C 44 6.61 14.61 -1.60
CA THR C 44 7.41 15.17 -0.53
C THR C 44 8.89 15.22 -0.91
N ILE C 45 9.36 14.24 -1.68
CA ILE C 45 10.75 14.26 -2.10
C ILE C 45 10.90 15.37 -3.15
N ASN C 46 9.88 15.54 -3.98
CA ASN C 46 9.93 16.58 -5.00
C ASN C 46 10.15 17.93 -4.35
N GLN C 47 9.24 18.34 -3.48
CA GLN C 47 9.39 19.63 -2.81
C GLN C 47 10.66 19.69 -1.98
N LEU C 48 11.09 18.54 -1.48
CA LEU C 48 12.30 18.47 -0.67
C LEU C 48 13.47 18.84 -1.59
N VAL C 49 13.60 18.12 -2.69
CA VAL C 49 14.66 18.37 -3.65
C VAL C 49 14.57 19.78 -4.22
N ASP C 50 13.37 20.16 -4.62
CA ASP C 50 13.11 21.47 -5.22
C ASP C 50 13.13 22.69 -4.29
N SER C 51 13.04 22.48 -2.98
CA SER C 51 13.02 23.62 -2.05
C SER C 51 13.96 23.55 -0.86
N THR C 52 14.90 22.60 -0.85
CA THR C 52 15.83 22.53 0.27
C THR C 52 16.87 23.64 0.15
N SER C 53 17.12 24.32 1.27
CA SER C 53 18.09 25.40 1.36
C SER C 53 19.49 24.89 0.97
N PRO C 54 20.30 25.75 0.33
CA PRO C 54 21.67 25.42 -0.12
C PRO C 54 22.36 24.27 0.62
N SER C 55 22.91 23.36 -0.16
CA SER C 55 23.61 22.17 0.31
C SER C 55 24.87 22.56 1.08
N THR C 56 25.69 21.55 1.38
CA THR C 56 26.74 21.51 2.41
C THR C 56 26.20 20.89 3.71
N ILE C 57 25.44 19.82 3.56
CA ILE C 57 24.90 19.10 4.70
C ILE C 57 24.43 17.70 4.31
N GLY C 58 24.78 17.28 3.09
CA GLY C 58 23.79 16.90 2.10
C GLY C 58 22.37 16.97 2.64
N ILE C 59 21.57 15.96 2.32
CA ILE C 59 20.23 15.85 2.87
C ILE C 59 20.02 14.49 3.55
N GLU C 60 21.09 13.94 4.09
CA GLU C 60 21.11 12.54 4.51
C GLU C 60 20.08 12.28 5.59
N GLU C 61 19.83 13.28 6.43
CA GLU C 61 18.84 13.17 7.49
C GLU C 61 17.44 13.03 6.90
N GLN C 62 17.00 14.08 6.22
CA GLN C 62 15.69 14.13 5.55
C GLN C 62 15.38 12.82 4.83
N VAL C 63 16.35 12.34 4.04
CA VAL C 63 16.19 11.11 3.29
C VAL C 63 16.04 9.91 4.21
N ALA C 64 16.77 9.90 5.31
CA ALA C 64 16.68 8.80 6.26
C ALA C 64 15.26 8.73 6.84
N ASP C 65 14.72 9.88 7.23
CA ASP C 65 13.38 9.94 7.80
C ASP C 65 12.33 9.45 6.80
N ILE C 66 12.34 10.02 5.60
CA ILE C 66 11.40 9.65 4.57
C ILE C 66 11.47 8.16 4.23
N THR C 67 12.68 7.63 4.10
CA THR C 67 12.84 6.22 3.76
C THR C 67 12.34 5.34 4.91
N SER C 68 12.44 5.86 6.12
CA SER C 68 11.98 5.13 7.30
C SER C 68 10.46 4.94 7.25
N THR C 69 9.71 5.98 6.87
CA THR C 69 8.26 5.83 6.82
C THR C 69 7.88 5.11 5.53
N TYR C 70 8.63 5.35 4.46
CA TYR C 70 8.34 4.67 3.21
C TYR C 70 8.39 3.16 3.42
N LYS C 71 9.45 2.68 4.04
CA LYS C 71 9.58 1.25 4.30
C LYS C 71 8.50 0.72 5.25
N LEU C 72 8.10 1.55 6.20
CA LEU C 72 7.07 1.20 7.15
C LEU C 72 5.79 0.94 6.33
N LEU C 73 5.35 1.95 5.61
CA LEU C 73 4.18 1.86 4.77
C LEU C 73 4.25 0.63 3.89
N SER C 74 5.42 0.38 3.29
CA SER C 74 5.61 -0.77 2.41
C SER C 74 5.51 -2.09 3.19
N THR C 75 5.96 -2.08 4.44
CA THR C 75 5.87 -3.28 5.29
C THR C 75 4.37 -3.54 5.55
N TYR C 76 3.63 -2.47 5.81
CA TYR C 76 2.20 -2.55 6.07
C TYR C 76 1.48 -3.11 4.87
N GLU C 77 1.80 -2.56 3.69
CA GLU C 77 1.14 -3.00 2.49
C GLU C 77 1.30 -4.50 2.24
N SER C 78 2.51 -5.00 2.38
CA SER C 78 2.77 -6.42 2.17
C SER C 78 1.95 -7.30 3.09
N GLU C 79 1.76 -6.85 4.32
CA GLU C 79 0.96 -7.58 5.29
C GLU C 79 -0.50 -7.60 4.82
N SER C 80 -0.96 -6.46 4.30
CA SER C 80 -2.32 -6.35 3.80
C SER C 80 -2.52 -7.29 2.64
N ASN C 81 -1.60 -7.25 1.68
CA ASN C 81 -1.72 -8.13 0.52
C ASN C 81 -1.73 -9.58 0.98
N SER C 82 -0.89 -9.88 1.96
CA SER C 82 -0.80 -11.24 2.47
C SER C 82 -2.13 -11.62 3.14
N PHE C 83 -2.72 -10.66 3.85
CA PHE C 83 -3.96 -10.87 4.58
C PHE C 83 -5.07 -11.30 3.62
N ASP C 84 -5.21 -10.59 2.51
CA ASP C 84 -6.22 -10.94 1.51
C ASP C 84 -6.00 -12.35 0.98
N GLU C 85 -4.77 -12.64 0.57
CA GLU C 85 -4.43 -13.96 0.05
C GLU C 85 -4.88 -15.05 1.04
N HIS C 86 -4.56 -14.87 2.31
CA HIS C 86 -4.94 -15.86 3.33
C HIS C 86 -6.45 -15.97 3.51
N ILE C 87 -7.14 -14.83 3.53
CA ILE C 87 -8.59 -14.84 3.69
C ILE C 87 -9.19 -15.63 2.53
N LYS C 88 -8.84 -15.25 1.30
CA LYS C 88 -9.35 -15.91 0.11
C LYS C 88 -9.12 -17.42 0.11
N ASP C 89 -7.89 -17.85 0.44
CA ASP C 89 -7.59 -19.27 0.47
C ASP C 89 -8.41 -20.00 1.53
N LEU C 90 -8.35 -19.48 2.75
CA LEU C 90 -9.09 -20.04 3.87
C LEU C 90 -10.57 -20.16 3.56
N LYS C 91 -11.11 -19.19 2.82
CA LYS C 91 -12.52 -19.21 2.44
C LYS C 91 -12.76 -20.29 1.40
N LYS C 92 -11.91 -20.34 0.37
CA LYS C 92 -12.04 -21.34 -0.67
C LYS C 92 -11.97 -22.74 -0.06
N ASN C 93 -11.07 -22.94 0.89
CA ASN C 93 -10.94 -24.24 1.56
C ASN C 93 -12.16 -24.58 2.40
N PHE C 94 -12.72 -23.57 3.05
CA PHE C 94 -13.90 -23.71 3.90
C PHE C 94 -15.08 -24.16 3.06
N LYS C 95 -15.33 -23.42 1.99
CA LYS C 95 -16.46 -23.69 1.11
C LYS C 95 -16.43 -25.13 0.57
N GLN C 96 -15.26 -25.59 0.14
CA GLN C 96 -15.14 -26.95 -0.39
C GLN C 96 -15.35 -27.99 0.70
N SER C 97 -14.82 -27.71 1.87
CA SER C 97 -14.96 -28.60 3.00
C SER C 97 -16.42 -28.58 3.47
N SER C 98 -17.02 -27.40 3.50
CA SER C 98 -18.42 -27.27 3.89
C SER C 98 -19.36 -27.97 2.89
N ASP C 99 -19.04 -27.89 1.60
CA ASP C 99 -19.88 -28.50 0.58
C ASP C 99 -19.93 -30.02 0.57
N ALA C 100 -18.98 -30.68 1.25
CA ALA C 100 -18.96 -32.14 1.31
C ALA C 100 -19.68 -32.63 2.57
N CYS C 101 -20.14 -31.69 3.38
CA CYS C 101 -20.84 -32.04 4.59
C CYS C 101 -22.33 -32.17 4.35
N PRO C 102 -23.00 -33.12 5.01
CA PRO C 102 -24.43 -33.33 4.85
C PRO C 102 -25.19 -32.13 5.44
N GLN C 103 -26.29 -31.75 4.80
CA GLN C 103 -27.09 -30.63 5.29
C GLN C 103 -27.63 -30.99 6.65
N ILE C 104 -28.12 -29.99 7.36
CA ILE C 104 -28.68 -30.19 8.67
C ILE C 104 -30.12 -30.68 8.60
N ASP C 105 -30.43 -31.71 9.39
CA ASP C 105 -31.79 -32.25 9.46
C ASP C 105 -31.96 -32.98 10.80
N LEU C 106 -33.15 -33.52 11.05
CA LEU C 106 -33.40 -34.20 12.31
C LEU C 106 -32.34 -35.23 12.75
N SER C 107 -31.78 -35.97 11.80
CA SER C 107 -30.75 -36.96 12.13
C SER C 107 -29.37 -36.30 12.17
N THR C 108 -29.04 -35.60 11.10
CA THR C 108 -27.79 -34.90 10.93
C THR C 108 -27.45 -33.97 12.10
N TRP C 109 -28.43 -33.22 12.59
CA TRP C 109 -28.18 -32.30 13.71
C TRP C 109 -27.59 -32.97 14.96
N ASP C 110 -28.01 -34.19 15.26
CA ASP C 110 -27.47 -34.88 16.44
C ASP C 110 -26.04 -35.31 16.18
N LYS C 111 -25.77 -35.73 14.94
CA LYS C 111 -24.43 -36.16 14.56
C LYS C 111 -23.43 -35.00 14.66
N TYR C 112 -23.81 -33.81 14.17
CA TYR C 112 -22.90 -32.67 14.27
C TYR C 112 -22.67 -32.28 15.73
N ARG C 113 -23.66 -32.53 16.57
CA ARG C 113 -23.55 -32.21 17.98
C ARG C 113 -22.67 -33.21 18.72
N THR C 114 -22.85 -34.48 18.39
CA THR C 114 -22.10 -35.58 18.99
C THR C 114 -20.66 -35.69 18.46
N GLY C 115 -20.43 -35.22 17.23
CA GLY C 115 -19.10 -35.31 16.65
C GLY C 115 -19.01 -36.29 15.49
N GLU C 116 -20.01 -37.15 15.35
CA GLU C 116 -20.00 -38.14 14.26
C GLU C 116 -19.69 -37.41 12.98
N LEU C 117 -20.44 -36.33 12.72
CA LEU C 117 -20.18 -35.52 11.54
C LEU C 117 -19.49 -34.28 12.09
N THR C 118 -18.53 -33.76 11.34
CA THR C 118 -17.81 -32.56 11.73
C THR C 118 -17.76 -31.65 10.53
N ALA C 119 -18.13 -30.41 10.76
CA ALA C 119 -18.14 -29.40 9.72
C ALA C 119 -16.99 -28.43 10.01
N PRO C 120 -16.48 -27.75 8.99
CA PRO C 120 -15.38 -26.81 9.23
C PRO C 120 -15.86 -25.54 9.93
N LYS C 121 -15.06 -25.05 10.88
CA LYS C 121 -15.38 -23.84 11.65
C LYS C 121 -14.50 -22.67 11.14
N LEU C 122 -15.08 -21.78 10.35
CA LEU C 122 -14.34 -20.64 9.77
C LEU C 122 -13.61 -19.74 10.77
N SER C 123 -14.23 -19.46 11.91
CA SER C 123 -13.60 -18.61 12.90
C SER C 123 -12.26 -19.17 13.39
N GLU C 124 -12.19 -20.50 13.56
CA GLU C 124 -10.97 -21.16 14.01
C GLU C 124 -9.93 -21.21 12.88
N LEU C 125 -10.40 -21.51 11.67
CA LEU C 125 -9.54 -21.55 10.51
C LEU C 125 -8.95 -20.15 10.30
N TYR C 126 -9.71 -19.12 10.67
CA TYR C 126 -9.26 -17.73 10.53
C TYR C 126 -8.18 -17.38 11.54
N LEU C 127 -8.39 -17.77 12.79
CA LEU C 127 -7.40 -17.49 13.82
C LEU C 127 -6.09 -18.24 13.57
N ASN C 128 -6.21 -19.42 12.97
CA ASN C 128 -5.05 -20.25 12.71
C ASN C 128 -4.54 -20.16 11.29
N MET C 129 -4.32 -18.94 10.84
CA MET C 129 -3.79 -18.74 9.50
C MET C 129 -2.27 -18.64 9.64
N PRO C 130 -1.53 -18.83 8.53
CA PRO C 130 -0.07 -18.78 8.49
C PRO C 130 0.57 -17.70 9.39
N THR C 131 0.45 -16.45 8.97
CA THR C 131 0.99 -15.32 9.72
C THR C 131 2.51 -15.14 9.61
N PRO C 132 3.09 -15.33 8.41
CA PRO C 132 4.53 -15.16 8.27
C PRO C 132 4.84 -13.72 7.81
N GLU C 133 6.12 -13.37 7.76
CA GLU C 133 6.50 -12.02 7.35
C GLU C 133 7.96 -11.96 6.89
N PRO C 134 8.24 -11.26 5.78
CA PRO C 134 7.28 -10.53 4.94
C PRO C 134 6.47 -11.44 4.01
N ALA C 135 7.10 -12.51 3.54
CA ALA C 135 6.47 -13.49 2.65
C ALA C 135 6.36 -12.99 1.21
N THR C 136 6.91 -11.81 0.93
CA THR C 136 6.85 -11.26 -0.41
C THR C 136 8.26 -10.98 -0.96
N MET C 137 8.33 -10.16 -2.00
CA MET C 137 9.62 -9.84 -2.62
C MET C 137 10.02 -8.39 -2.33
N VAL C 138 11.33 -8.15 -2.22
CA VAL C 138 11.85 -6.82 -1.96
C VAL C 138 11.76 -6.00 -3.24
N ASN C 139 10.53 -5.82 -3.72
CA ASN C 139 10.27 -5.08 -4.95
C ASN C 139 11.13 -3.82 -5.09
N ASN C 140 11.71 -3.66 -6.27
CA ASN C 140 12.55 -2.50 -6.58
C ASN C 140 11.66 -1.34 -7.02
N THR C 141 10.99 -0.73 -6.06
CA THR C 141 10.09 0.39 -6.34
C THR C 141 10.87 1.62 -6.79
N ASP C 142 10.47 2.19 -7.91
CA ASP C 142 11.11 3.36 -8.48
C ASP C 142 11.40 4.43 -7.42
N THR C 143 10.44 4.66 -6.53
CA THR C 143 10.59 5.65 -5.47
C THR C 143 11.63 5.29 -4.41
N LEU C 144 12.00 4.02 -4.33
CA LEU C 144 13.01 3.59 -3.36
C LEU C 144 14.42 3.89 -3.88
N LYS C 145 14.61 3.76 -5.19
CA LYS C 145 15.91 4.01 -5.83
C LYS C 145 16.28 5.49 -5.70
N ILE C 146 15.29 6.36 -5.91
CA ILE C 146 15.49 7.80 -5.81
C ILE C 146 15.94 8.13 -4.40
N LEU C 147 15.36 7.48 -3.40
CA LEU C 147 15.74 7.74 -2.01
C LEU C 147 17.17 7.28 -1.75
N LYS C 148 17.48 6.07 -2.23
CA LYS C 148 18.80 5.49 -2.05
C LYS C 148 19.89 6.39 -2.65
N VAL C 149 19.66 6.83 -3.88
CA VAL C 149 20.60 7.66 -4.61
C VAL C 149 20.62 9.12 -4.19
N LEU C 150 19.44 9.69 -4.04
CA LEU C 150 19.29 11.10 -3.69
C LEU C 150 20.37 11.76 -2.85
N PRO C 151 20.69 11.20 -1.68
CA PRO C 151 21.72 11.90 -0.91
C PRO C 151 23.07 12.02 -1.65
N TYR C 152 23.40 11.00 -2.43
CA TYR C 152 24.66 10.98 -3.19
C TYR C 152 24.68 11.97 -4.35
N ILE C 153 23.59 12.04 -5.11
CA ILE C 153 23.50 12.95 -6.24
C ILE C 153 23.34 14.39 -5.81
N TRP C 154 22.77 14.61 -4.62
CA TRP C 154 22.59 15.97 -4.12
C TRP C 154 23.95 16.64 -3.98
N ASN C 155 24.86 16.00 -3.25
CA ASN C 155 26.18 16.57 -3.06
C ASN C 155 27.05 16.48 -4.33
N ASP C 156 26.69 15.60 -5.26
CA ASP C 156 27.45 15.47 -6.51
C ASP C 156 26.61 14.89 -7.65
N PRO C 157 25.81 15.74 -8.31
CA PRO C 157 24.95 15.29 -9.42
C PRO C 157 25.58 14.44 -10.52
N THR C 158 26.89 14.31 -10.52
CA THR C 158 27.57 13.51 -11.54
C THR C 158 28.17 12.22 -11.01
N CYS C 159 28.35 12.14 -9.69
CA CYS C 159 28.94 10.95 -9.08
C CYS C 159 28.45 9.69 -9.78
N VAL C 160 29.39 8.84 -10.18
CA VAL C 160 29.08 7.61 -10.88
C VAL C 160 28.47 6.55 -9.96
N ILE C 161 27.16 6.35 -10.07
CA ILE C 161 26.47 5.35 -9.26
C ILE C 161 26.63 4.01 -9.95
N PRO C 162 27.01 2.96 -9.21
CA PRO C 162 27.20 1.62 -9.76
C PRO C 162 25.88 0.89 -9.51
N ASP C 163 25.86 -0.40 -9.81
CA ASP C 163 24.69 -1.22 -10.09
C ASP C 163 23.83 -1.38 -8.84
N LEU C 164 22.54 -1.10 -8.97
CA LEU C 164 21.63 -1.23 -7.83
C LEU C 164 20.31 -1.82 -8.30
N GLN C 165 20.09 -3.09 -7.97
CA GLN C 165 18.88 -3.79 -8.36
C GLN C 165 18.09 -4.18 -7.12
N ASN C 166 18.67 -3.94 -5.95
CA ASN C 166 18.03 -4.26 -4.68
C ASN C 166 18.21 -3.13 -3.66
N PRO C 167 17.65 -1.96 -3.95
CA PRO C 167 17.77 -0.82 -3.03
C PRO C 167 17.18 -1.18 -1.67
N ALA C 168 17.17 -0.20 -0.76
CA ALA C 168 16.65 -0.42 0.58
C ALA C 168 17.64 -1.28 1.36
N ASP C 169 18.66 -1.76 0.66
CA ASP C 169 19.69 -2.58 1.26
C ASP C 169 20.59 -1.61 2.03
N GLU C 170 20.35 -1.49 3.34
CA GLU C 170 21.11 -0.60 4.19
C GLU C 170 22.47 -1.16 3.75
N ASP C 171 23.21 -0.34 3.01
CA ASP C 171 24.64 -0.48 2.72
C ASP C 171 24.94 0.78 1.93
N ASP C 172 26.17 1.26 2.03
CA ASP C 172 26.68 2.34 1.17
C ASP C 172 26.82 1.90 -0.29
N LEU C 173 26.77 2.88 -1.18
CA LEU C 173 26.89 2.60 -2.61
C LEU C 173 28.33 2.60 -3.10
N GLN C 174 28.62 1.70 -4.02
CA GLN C 174 29.95 1.55 -4.59
C GLN C 174 30.20 2.68 -5.60
N ILE C 175 30.23 3.90 -5.09
CA ILE C 175 30.45 5.08 -5.94
C ILE C 175 31.78 4.98 -6.68
N GLU C 176 31.71 4.72 -7.98
CA GLU C 176 32.91 4.61 -8.81
C GLU C 176 33.58 5.97 -8.96
N GLY C 177 34.64 6.01 -9.75
CA GLY C 177 35.35 7.26 -9.95
C GLY C 177 34.91 7.98 -11.21
N GLY C 178 35.23 9.27 -11.30
CA GLY C 178 34.84 10.05 -12.45
C GLY C 178 33.48 10.67 -12.29
N LYS C 179 32.79 10.87 -13.41
CA LYS C 179 31.47 11.46 -13.37
C LYS C 179 30.72 11.29 -14.68
N ILE C 180 29.42 10.99 -14.56
CA ILE C 180 28.56 10.78 -15.73
C ILE C 180 28.14 12.11 -16.33
N GLU C 181 27.69 12.06 -17.58
CA GLU C 181 27.30 13.28 -18.28
C GLU C 181 25.80 13.56 -18.30
N LEU C 182 25.47 14.81 -17.96
CA LEU C 182 24.10 15.25 -17.95
C LEU C 182 23.79 15.84 -19.31
N THR C 183 24.16 15.09 -20.35
CA THR C 183 23.95 15.51 -21.73
C THR C 183 23.61 14.31 -22.60
N CYS C 184 22.57 14.47 -23.40
CA CYS C 184 22.10 13.41 -24.29
C CYS C 184 23.10 13.06 -25.39
N PRO C 185 23.48 11.78 -25.49
CA PRO C 185 24.43 11.29 -26.50
C PRO C 185 23.93 11.36 -27.94
N ILE C 186 22.75 11.95 -28.14
CA ILE C 186 22.18 12.08 -29.48
C ILE C 186 21.74 13.51 -29.72
N THR C 187 22.27 14.44 -28.93
CA THR C 187 21.95 15.85 -29.06
C THR C 187 23.17 16.63 -28.60
N CYS C 188 23.97 15.99 -27.75
CA CYS C 188 25.18 16.60 -27.22
C CYS C 188 24.84 17.88 -26.48
N LYS C 189 23.57 17.98 -26.08
CA LYS C 189 23.06 19.13 -25.33
C LYS C 189 22.50 18.55 -24.03
N PRO C 190 22.59 19.31 -22.93
CA PRO C 190 22.08 18.81 -21.65
C PRO C 190 20.63 18.35 -21.79
N TYR C 191 20.28 17.26 -21.10
CA TYR C 191 18.93 16.70 -21.17
C TYR C 191 17.81 17.70 -20.88
N GLU C 192 16.59 17.25 -21.14
CA GLU C 192 15.39 18.03 -20.90
C GLU C 192 14.17 17.11 -20.82
N ALA C 193 14.39 15.84 -21.13
CA ALA C 193 13.35 14.83 -21.09
C ALA C 193 14.05 13.49 -21.13
N PRO C 194 14.90 13.21 -20.13
CA PRO C 194 15.63 11.94 -20.07
C PRO C 194 14.74 10.72 -20.13
N LEU C 195 15.20 9.71 -20.84
CA LEU C 195 14.49 8.46 -21.00
C LEU C 195 15.50 7.34 -20.88
N ILE C 196 15.17 6.33 -20.09
CA ILE C 196 16.06 5.21 -19.88
C ILE C 196 15.48 3.97 -20.54
N SER C 197 16.37 3.13 -21.08
CA SER C 197 15.94 1.90 -21.72
C SER C 197 15.73 0.83 -20.65
N ARG C 198 14.84 -0.13 -20.91
CA ARG C 198 14.55 -1.19 -19.95
C ARG C 198 15.45 -2.41 -20.09
N LYS C 199 15.78 -2.76 -21.33
CA LYS C 199 16.64 -3.92 -21.61
C LYS C 199 18.13 -3.60 -21.51
N CYS C 200 18.43 -2.30 -21.35
CA CYS C 200 19.80 -1.81 -21.20
C CYS C 200 19.59 -0.52 -20.43
N ASN C 201 20.58 -0.06 -19.68
CA ASN C 201 20.37 1.14 -18.89
C ASN C 201 20.84 2.44 -19.52
N HIS C 202 20.67 2.52 -20.84
CA HIS C 202 21.09 3.71 -21.57
C HIS C 202 20.01 4.79 -21.55
N VAL C 203 20.44 6.04 -21.31
CA VAL C 203 19.53 7.17 -21.22
C VAL C 203 19.75 8.21 -22.32
N PHE C 204 18.70 8.49 -23.07
CA PHE C 204 18.76 9.48 -24.15
C PHE C 204 17.65 10.48 -23.93
N ASP C 205 17.78 11.68 -24.50
CA ASP C 205 16.73 12.69 -24.34
C ASP C 205 15.56 12.22 -25.20
N ARG C 206 14.34 12.62 -24.85
CA ARG C 206 13.17 12.18 -25.60
C ARG C 206 13.28 12.39 -27.09
N ASP C 207 13.55 13.63 -27.51
CA ASP C 207 13.68 13.95 -28.93
C ASP C 207 14.86 13.20 -29.56
N GLY C 208 15.70 12.62 -28.72
CA GLY C 208 16.83 11.86 -29.21
C GLY C 208 16.33 10.62 -29.93
N ILE C 209 15.88 9.62 -29.15
CA ILE C 209 15.36 8.37 -29.71
C ILE C 209 14.03 8.57 -30.43
N GLN C 210 13.35 9.68 -30.12
CA GLN C 210 12.07 9.99 -30.77
C GLN C 210 12.31 10.10 -32.27
N ASN C 211 13.42 10.74 -32.62
CA ASN C 211 13.78 10.95 -34.02
C ASN C 211 14.72 9.87 -34.54
N TYR C 212 15.39 9.17 -33.62
CA TYR C 212 16.29 8.10 -33.99
C TYR C 212 15.48 6.89 -34.46
N LEU C 213 14.39 6.61 -33.75
CA LEU C 213 13.52 5.50 -34.10
C LEU C 213 12.39 5.95 -35.03
N GLN C 214 12.31 7.26 -35.26
CA GLN C 214 11.29 7.83 -36.12
C GLN C 214 11.34 7.26 -37.54
N GLY C 215 10.31 6.50 -37.89
CA GLY C 215 10.26 5.90 -39.21
C GLY C 215 10.74 4.46 -39.23
N TYR C 216 11.18 3.96 -38.06
CA TYR C 216 11.66 2.59 -37.97
C TYR C 216 10.91 1.78 -36.91
N THR C 217 10.89 0.47 -37.10
CA THR C 217 10.23 -0.43 -36.18
C THR C 217 11.10 -0.74 -34.96
N THR C 218 12.27 -1.32 -35.19
CA THR C 218 13.18 -1.66 -34.10
C THR C 218 14.66 -1.52 -34.47
N ARG C 219 15.23 -0.36 -34.16
CA ARG C 219 16.65 -0.11 -34.43
C ARG C 219 17.48 -0.45 -33.21
N ASP C 220 18.70 -0.92 -33.44
CA ASP C 220 19.60 -1.26 -32.36
C ASP C 220 19.84 -0.02 -31.51
N CYS C 221 20.19 -0.22 -30.25
CA CYS C 221 20.44 0.90 -29.34
C CYS C 221 21.58 1.78 -29.84
N PRO C 222 21.37 3.11 -29.86
CA PRO C 222 22.34 4.10 -30.32
C PRO C 222 23.73 3.96 -29.70
N GLN C 223 23.77 3.90 -28.37
CA GLN C 223 25.01 3.78 -27.61
C GLN C 223 25.86 2.63 -28.14
N ALA C 224 26.97 2.97 -28.80
CA ALA C 224 27.86 1.96 -29.36
C ALA C 224 27.01 0.93 -30.09
N ALA C 225 25.85 1.35 -30.56
CA ALA C 225 24.91 0.49 -31.25
C ALA C 225 24.64 -0.74 -30.40
N CYS C 226 24.74 -0.57 -29.09
CA CYS C 226 24.51 -1.64 -28.12
C CYS C 226 23.51 -2.62 -28.68
N SER C 227 23.96 -3.87 -28.81
CA SER C 227 23.14 -4.95 -29.34
C SER C 227 21.63 -4.85 -29.14
N GLN C 228 21.19 -4.55 -27.92
CA GLN C 228 19.77 -4.46 -27.60
C GLN C 228 18.91 -3.77 -28.66
N VAL C 229 18.03 -4.52 -29.30
CA VAL C 229 17.14 -3.95 -30.30
C VAL C 229 16.11 -3.17 -29.50
N VAL C 230 15.89 -1.91 -29.86
CA VAL C 230 14.95 -1.09 -29.09
C VAL C 230 13.78 -0.49 -29.86
N SER C 231 12.84 0.06 -29.11
CA SER C 231 11.65 0.70 -29.64
C SER C 231 11.23 1.72 -28.59
N MET C 232 10.33 2.64 -28.97
CA MET C 232 9.88 3.67 -28.04
C MET C 232 9.31 3.11 -26.73
N ARG C 233 8.64 1.96 -26.82
CA ARG C 233 8.04 1.35 -25.64
C ARG C 233 9.07 0.95 -24.58
N ASP C 234 10.29 0.69 -25.02
CA ASP C 234 11.35 0.30 -24.11
C ASP C 234 11.92 1.48 -23.32
N PHE C 235 11.50 2.69 -23.66
CA PHE C 235 12.01 3.87 -22.97
C PHE C 235 11.06 4.49 -21.96
N VAL C 236 11.43 4.37 -20.69
CA VAL C 236 10.65 4.92 -19.59
C VAL C 236 11.23 6.30 -19.31
N ARG C 237 10.67 7.00 -18.33
CA ARG C 237 11.17 8.30 -17.98
C ARG C 237 12.23 8.02 -16.91
N ASP C 238 13.35 8.74 -16.96
CA ASP C 238 14.41 8.53 -16.00
C ASP C 238 14.31 9.51 -14.84
N PRO C 239 13.78 9.05 -13.69
CA PRO C 239 13.66 9.92 -12.52
C PRO C 239 15.03 10.27 -11.96
N ILE C 240 15.92 9.27 -11.94
CA ILE C 240 17.28 9.41 -11.45
C ILE C 240 18.07 10.44 -12.26
N MET C 241 18.02 10.30 -13.60
CA MET C 241 18.73 11.23 -14.48
C MET C 241 18.11 12.62 -14.41
N GLU C 242 16.79 12.65 -14.30
CA GLU C 242 16.08 13.91 -14.22
C GLU C 242 16.47 14.58 -12.91
N LEU C 243 16.73 13.76 -11.89
CA LEU C 243 17.14 14.26 -10.59
C LEU C 243 18.52 14.88 -10.74
N ARG C 244 19.41 14.17 -11.42
CA ARG C 244 20.78 14.62 -11.66
C ARG C 244 20.77 15.97 -12.33
N CYS C 245 20.14 16.05 -13.51
CA CYS C 245 20.06 17.30 -14.26
C CYS C 245 19.36 18.38 -13.44
N LYS C 246 18.29 17.98 -12.76
CA LYS C 246 17.52 18.90 -11.93
C LYS C 246 18.48 19.51 -10.92
N ILE C 247 19.29 18.67 -10.30
CA ILE C 247 20.25 19.12 -9.29
C ILE C 247 21.36 19.98 -9.90
N ALA C 248 21.90 19.55 -11.02
CA ALA C 248 22.96 20.30 -11.69
C ALA C 248 22.45 21.68 -12.03
N LYS C 249 21.26 21.73 -12.65
CA LYS C 249 20.65 23.00 -13.04
C LYS C 249 20.45 23.90 -11.82
N MET C 250 20.23 23.30 -10.66
CA MET C 250 20.03 24.06 -9.43
C MET C 250 21.36 24.54 -8.88
N LYS C 251 22.41 23.75 -9.10
CA LYS C 251 23.75 24.11 -8.64
C LYS C 251 24.26 25.28 -9.48
N GLU C 252 24.07 25.19 -10.80
CA GLU C 252 24.50 26.25 -11.71
C GLU C 252 23.71 27.51 -11.38
N SER C 253 22.45 27.33 -11.04
CA SER C 253 21.55 28.43 -10.70
C SER C 253 21.97 29.05 -9.38
N GLN C 254 22.39 28.22 -8.43
CA GLN C 254 22.82 28.68 -7.12
C GLN C 254 24.23 29.25 -7.14
N GLU C 255 24.99 28.94 -8.20
CA GLU C 255 26.36 29.45 -8.30
C GLU C 255 26.32 30.93 -8.67
N GLN C 256 25.34 31.31 -9.50
CA GLN C 256 25.21 32.70 -9.92
C GLN C 256 24.47 33.51 -8.84
N ASP C 257 23.31 33.04 -8.41
CA ASP C 257 22.57 33.72 -7.34
C ASP C 257 22.50 32.86 -6.10
N LYS C 258 23.16 33.30 -5.03
CA LYS C 258 23.17 32.57 -3.78
C LYS C 258 22.93 33.53 -2.61
ZN ZN D . 21.78 -0.22 -25.11
#